data_4DMX
#
_entry.id   4DMX
#
_cell.length_a   32.362
_cell.length_b   83.958
_cell.length_c   35.999
_cell.angle_alpha   90.00
_cell.angle_beta   109.96
_cell.angle_gamma   90.00
#
_symmetry.space_group_name_H-M   'P 1 21 1'
#
loop_
_entity.id
_entity.type
_entity.pdbx_description
1 polymer 'Cathepsin K'
2 non-polymer (1R,2R)-N-(1-cyanocyclopropyl)-2-{[4-(4-fluorophenyl)piperazin-1-yl]carbonyl}cyclohexanecarboxamide
3 non-polymer GLYCEROL
4 water water
#
_entity_poly.entity_id   1
_entity_poly.type   'polypeptide(L)'
_entity_poly.pdbx_seq_one_letter_code
;APDSVDYRKKGYVTPVKNQGQCGSCWAFSSVGALEGQLKKKTGKLLNLSPQNLVDCVSENDGCGGGYMTNAFQYVQKNRG
IDSEDAYPYVGQEESCMYNPTGKAAKCRGYREIPEGNEKALKRAVARVGPVSVAIDASLTSFQFYSKGVYYDESCNSDNL
NHAVLAVGYGIQKGNKHWIIKNSWGENWGNKGYILMARNKNNACGIANLASFPKM
;
_entity_poly.pdbx_strand_id   A
#
loop_
_chem_comp.id
_chem_comp.type
_chem_comp.name
_chem_comp.formula
0LB non-polymer (1R,2R)-N-(1-cyanocyclopropyl)-2-{[4-(4-fluorophenyl)piperazin-1-yl]carbonyl}cyclohexanecarboxamide 'C22 H27 F N4 O2'
GOL non-polymer GLYCEROL 'C3 H8 O3'
#
# COMPACT_ATOMS: atom_id res chain seq x y z
N ALA A 1 -22.16 2.31 3.24
CA ALA A 1 -20.90 2.85 2.63
C ALA A 1 -21.17 3.53 1.28
N PRO A 2 -20.35 4.52 0.91
CA PRO A 2 -20.56 5.16 -0.39
C PRO A 2 -20.35 4.18 -1.55
N ASP A 3 -21.02 4.41 -2.67
CA ASP A 3 -20.80 3.62 -3.89
C ASP A 3 -19.40 3.73 -4.43
N SER A 4 -18.77 4.90 -4.29
CA SER A 4 -17.37 5.05 -4.67
C SER A 4 -16.63 5.98 -3.73
N VAL A 5 -15.31 5.75 -3.64
CA VAL A 5 -14.42 6.49 -2.77
C VAL A 5 -13.11 6.65 -3.54
N ASP A 6 -12.52 7.84 -3.51
CA ASP A 6 -11.20 8.05 -4.11
C ASP A 6 -10.42 9.07 -3.30
N TYR A 7 -9.52 8.57 -2.46
CA TYR A 7 -8.76 9.44 -1.57
C TYR A 7 -7.75 10.35 -2.29
N ARG A 8 -7.44 10.07 -3.55
CA ARG A 8 -6.57 10.96 -4.33
C ARG A 8 -7.21 12.33 -4.46
N LYS A 9 -8.54 12.34 -4.56
CA LYS A 9 -9.28 13.59 -4.74
C LYS A 9 -9.19 14.50 -3.51
N LYS A 10 -8.80 13.94 -2.36
CA LYS A 10 -8.81 14.69 -1.11
C LYS A 10 -7.41 14.97 -0.55
N GLY A 11 -6.40 14.69 -1.35
CA GLY A 11 -5.02 14.96 -0.98
C GLY A 11 -4.51 14.04 0.10
N TYR A 12 -4.96 12.79 0.11
CA TYR A 12 -4.52 11.80 1.10
C TYR A 12 -3.45 10.87 0.52
N VAL A 13 -3.04 11.11 -0.72
CA VAL A 13 -2.16 10.17 -1.42
C VAL A 13 -0.98 10.91 -2.06
N THR A 14 0.23 10.45 -1.80
CA THR A 14 1.44 11.10 -2.29
C THR A 14 1.70 10.64 -3.73
N PRO A 15 2.68 11.26 -4.41
CA PRO A 15 2.98 10.75 -5.76
C PRO A 15 3.41 9.30 -5.80
N VAL A 16 3.15 8.68 -6.95
CA VAL A 16 3.60 7.34 -7.22
C VAL A 16 5.13 7.29 -7.25
N LYS A 17 5.68 6.32 -6.50
CA LYS A 17 7.12 6.12 -6.36
C LYS A 17 7.57 4.92 -7.22
N ASN A 18 8.87 4.77 -7.36
CA ASN A 18 9.46 3.65 -8.07
C ASN A 18 10.44 2.91 -7.13
N GLN A 19 10.09 1.68 -6.75
CA GLN A 19 10.93 0.91 -5.82
C GLN A 19 12.29 0.47 -6.42
N GLY A 20 12.42 0.53 -7.73
CA GLY A 20 13.67 0.13 -8.40
C GLY A 20 13.87 -1.37 -8.28
N GLN A 21 15.12 -1.82 -8.23
CA GLN A 21 15.41 -3.25 -8.21
C GLN A 21 15.12 -3.90 -6.85
N CYS A 22 15.01 -3.09 -5.81
CA CYS A 22 14.84 -3.60 -4.46
C CYS A 22 13.42 -4.17 -4.26
N GLY A 23 13.32 -5.22 -3.43
CA GLY A 23 12.04 -5.90 -3.16
C GLY A 23 11.34 -5.27 -1.99
N SER A 24 11.03 -3.99 -2.14
CA SER A 24 10.61 -3.17 -1.03
C SER A 24 9.18 -2.72 -1.21
N CYS A 25 8.41 -3.40 -2.09
CA CYS A 25 6.99 -3.09 -2.28
C CYS A 25 6.26 -2.98 -0.94
N TRP A 26 6.53 -3.90 -0.03
CA TRP A 26 5.93 -3.88 1.32
C TRP A 26 6.15 -2.56 2.05
N ALA A 27 7.32 -1.94 1.84
CA ALA A 27 7.63 -0.69 2.50
C ALA A 27 6.88 0.48 1.86
N PHE A 28 6.76 0.47 0.52
CA PHE A 28 5.95 1.49 -0.15
C PHE A 28 4.48 1.36 0.21
N SER A 29 3.98 0.13 0.31
CA SER A 29 2.57 -0.07 0.71
C SER A 29 2.32 0.46 2.12
N SER A 30 3.24 0.12 3.02
CA SER A 30 3.15 0.54 4.41
C SER A 30 3.18 2.05 4.55
N VAL A 31 4.17 2.69 3.93
CA VAL A 31 4.28 4.15 3.95
C VAL A 31 3.03 4.81 3.37
N GLY A 32 2.46 4.26 2.30
CA GLY A 32 1.26 4.82 1.69
C GLY A 32 0.11 4.85 2.70
N ALA A 33 -0.08 3.75 3.44
CA ALA A 33 -1.16 3.67 4.40
C ALA A 33 -0.92 4.65 5.57
N LEU A 34 0.33 4.72 6.02
CA LEU A 34 0.75 5.61 7.10
C LEU A 34 0.56 7.07 6.67
N GLU A 35 0.94 7.36 5.42
CA GLU A 35 0.77 8.70 4.85
C GLU A 35 -0.70 9.16 4.88
N GLY A 36 -1.60 8.23 4.52
CA GLY A 36 -3.03 8.47 4.53
C GLY A 36 -3.52 8.84 5.90
N GLN A 37 -3.13 8.04 6.90
CA GLN A 37 -3.49 8.34 8.29
C GLN A 37 -2.85 9.63 8.83
N LEU A 38 -1.62 9.90 8.43
CA LEU A 38 -0.97 11.16 8.86
C LEU A 38 -1.71 12.38 8.34
N LYS A 39 -2.09 12.36 7.06
CA LYS A 39 -2.86 13.45 6.50
C LYS A 39 -4.21 13.61 7.24
N LYS A 40 -4.88 12.50 7.50
CA LYS A 40 -6.19 12.50 8.17
C LYS A 40 -6.11 13.10 9.58
N LYS A 41 -5.05 12.73 10.29
CA LYS A 41 -4.84 13.12 11.70
C LYS A 41 -4.30 14.53 11.85
N THR A 42 -3.40 14.95 10.95
CA THR A 42 -2.68 16.23 11.09
C THR A 42 -2.97 17.27 10.00
N GLY A 43 -3.62 16.87 8.92
CA GLY A 43 -3.87 17.79 7.80
C GLY A 43 -2.69 17.98 6.84
N LYS A 44 -1.55 17.34 7.13
CA LYS A 44 -0.32 17.47 6.34
C LYS A 44 -0.04 16.17 5.55
N LEU A 45 0.18 16.30 4.25
CA LEU A 45 0.56 15.16 3.42
C LEU A 45 2.06 15.26 3.23
N LEU A 46 2.80 14.23 3.61
CA LEU A 46 4.21 14.19 3.27
C LEU A 46 4.69 12.80 2.94
N ASN A 47 5.83 12.74 2.24
CA ASN A 47 6.45 11.46 1.93
C ASN A 47 7.15 10.93 3.17
N LEU A 48 6.78 9.72 3.57
CA LEU A 48 7.45 9.04 4.66
C LEU A 48 8.47 8.07 4.07
N SER A 49 9.38 7.60 4.91
CA SER A 49 10.57 6.92 4.45
C SER A 49 10.41 5.41 4.31
N PRO A 50 10.24 4.94 3.08
CA PRO A 50 10.33 3.49 2.95
C PRO A 50 11.70 2.90 3.27
N GLN A 51 12.75 3.68 3.09
CA GLN A 51 14.11 3.20 3.41
C GLN A 51 14.25 2.90 4.91
N ASN A 52 13.64 3.75 5.72
CA ASN A 52 13.65 3.57 7.17
C ASN A 52 13.11 2.17 7.46
N LEU A 53 12.05 1.80 6.74
CA LEU A 53 11.42 0.49 6.96
C LEU A 53 12.32 -0.60 6.45
N VAL A 54 12.81 -0.45 5.23
CA VAL A 54 13.69 -1.47 4.66
C VAL A 54 14.88 -1.76 5.57
N ASP A 55 15.50 -0.70 6.07
CA ASP A 55 16.71 -0.82 6.89
C ASP A 55 16.45 -1.31 8.31
N CYS A 56 15.31 -0.95 8.89
CA CYS A 56 15.09 -1.04 10.35
C CYS A 56 14.06 -2.05 10.83
N VAL A 57 13.15 -2.50 9.96
CA VAL A 57 12.19 -3.53 10.35
C VAL A 57 12.88 -4.89 10.31
N SER A 58 13.39 -5.32 11.46
CA SER A 58 14.22 -6.52 11.52
C SER A 58 13.43 -7.81 11.23
N GLU A 59 12.11 -7.75 11.44
CA GLU A 59 11.26 -8.91 11.20
C GLU A 59 11.06 -9.18 9.72
N ASN A 60 11.31 -8.17 8.88
CA ASN A 60 11.22 -8.36 7.45
C ASN A 60 12.61 -8.59 6.88
N ASP A 61 12.68 -8.77 5.56
CA ASP A 61 13.92 -9.18 4.91
C ASP A 61 14.48 -8.07 4.00
N GLY A 62 14.24 -6.82 4.35
CA GLY A 62 14.71 -5.68 3.58
C GLY A 62 14.29 -5.73 2.14
N CYS A 63 15.27 -5.77 1.23
CA CYS A 63 14.98 -5.90 -0.20
C CYS A 63 14.55 -7.33 -0.58
N GLY A 64 14.57 -8.27 0.36
CA GLY A 64 14.07 -9.63 0.15
C GLY A 64 12.57 -9.78 0.32
N GLY A 65 11.90 -8.73 0.77
CA GLY A 65 10.46 -8.79 0.99
C GLY A 65 10.07 -8.60 2.44
N GLY A 66 8.77 -8.55 2.69
CA GLY A 66 8.27 -8.28 4.02
C GLY A 66 6.77 -8.19 4.13
N TYR A 67 6.29 -8.16 5.37
CA TYR A 67 4.87 -7.99 5.67
C TYR A 67 4.62 -6.58 6.16
N MET A 68 3.53 -5.98 5.70
CA MET A 68 3.18 -4.61 6.10
C MET A 68 2.86 -4.53 7.60
N THR A 69 2.27 -5.58 8.17
CA THR A 69 1.98 -5.54 9.59
C THR A 69 3.25 -5.41 10.44
N ASN A 70 4.32 -6.10 10.05
CA ASN A 70 5.60 -5.95 10.77
C ASN A 70 6.10 -4.52 10.71
N ALA A 71 5.82 -3.85 9.59
CA ALA A 71 6.21 -2.48 9.39
C ALA A 71 5.43 -1.55 10.33
N PHE A 72 4.13 -1.74 10.43
CA PHE A 72 3.33 -0.91 11.35
C PHE A 72 3.75 -1.13 12.81
N GLN A 73 3.99 -2.38 13.17
CA GLN A 73 4.44 -2.73 14.52
C GLN A 73 5.82 -2.08 14.86
N TYR A 74 6.70 -2.04 13.88
CA TYR A 74 7.97 -1.34 14.05
C TYR A 74 7.75 0.14 14.36
N VAL A 75 6.97 0.81 13.54
CA VAL A 75 6.77 2.26 13.71
C VAL A 75 6.19 2.50 15.11
N GLN A 76 5.26 1.63 15.51
CA GLN A 76 4.67 1.73 16.84
C GLN A 76 5.71 1.62 17.95
N LYS A 77 6.49 0.54 17.94
CA LYS A 77 7.47 0.27 19.01
C LYS A 77 8.67 1.21 18.97
N ASN A 78 9.01 1.67 17.74
CA ASN A 78 10.10 2.61 17.52
C ASN A 78 9.73 4.03 17.96
N ARG A 79 8.43 4.28 18.12
CA ARG A 79 7.92 5.60 18.45
C ARG A 79 8.15 6.59 17.31
N GLY A 80 8.20 6.08 16.09
CA GLY A 80 8.19 6.95 14.93
C GLY A 80 8.77 6.38 13.66
N ILE A 81 8.51 7.13 12.59
CA ILE A 81 9.09 6.88 11.30
C ILE A 81 9.52 8.24 10.77
N ASP A 82 10.65 8.23 10.07
CA ASP A 82 11.22 9.43 9.50
C ASP A 82 10.54 9.80 8.19
N SER A 83 10.62 11.08 7.84
CA SER A 83 10.24 11.53 6.51
C SER A 83 11.23 11.01 5.44
N GLU A 84 10.77 10.97 4.18
CA GLU A 84 11.64 10.66 3.03
C GLU A 84 12.81 11.63 2.96
N ASP A 85 12.55 12.91 3.22
CA ASP A 85 13.59 13.92 3.19
C ASP A 85 14.69 13.66 4.20
N ALA A 86 14.30 13.26 5.42
CA ALA A 86 15.26 12.96 6.47
C ALA A 86 16.00 11.63 6.23
N TYR A 87 15.36 10.68 5.54
CA TYR A 87 15.89 9.32 5.39
C TYR A 87 15.53 8.83 3.97
N PRO A 88 16.24 9.36 2.99
CA PRO A 88 15.92 9.14 1.59
C PRO A 88 16.09 7.70 1.12
N TYR A 89 15.37 7.38 0.05
CA TYR A 89 15.35 6.04 -0.52
C TYR A 89 16.59 5.81 -1.34
N VAL A 90 17.27 4.71 -1.09
CA VAL A 90 18.47 4.39 -1.86
C VAL A 90 18.42 3.05 -2.58
N GLY A 91 17.40 2.24 -2.34
CA GLY A 91 17.12 1.04 -3.14
C GLY A 91 18.07 -0.14 -2.94
N GLN A 92 18.71 -0.16 -1.78
CA GLN A 92 19.50 -1.30 -1.32
C GLN A 92 19.45 -1.24 0.21
N GLU A 93 19.46 -2.40 0.88
CA GLU A 93 19.39 -2.41 2.34
C GLU A 93 20.71 -1.87 2.91
N GLU A 94 20.62 -1.01 3.90
CA GLU A 94 21.79 -0.47 4.56
C GLU A 94 21.56 -0.57 6.08
N SER A 95 22.52 -0.14 6.88
CA SER A 95 22.33 -0.20 8.34
C SER A 95 21.21 0.74 8.77
N CYS A 96 20.50 0.36 9.83
CA CYS A 96 19.39 1.16 10.32
C CYS A 96 19.92 2.49 10.81
N MET A 97 19.44 3.59 10.24
CA MET A 97 19.94 4.90 10.60
C MET A 97 18.80 5.83 11.00
N TYR A 98 17.78 5.24 11.60
CA TYR A 98 16.64 6.00 12.10
C TYR A 98 17.09 7.13 13.02
N ASN A 99 16.51 8.30 12.79
CA ASN A 99 16.87 9.49 13.55
C ASN A 99 15.58 10.12 14.07
N PRO A 100 15.41 10.15 15.41
CA PRO A 100 14.22 10.78 15.98
C PRO A 100 14.04 12.24 15.56
N THR A 101 15.12 12.91 15.19
CA THR A 101 15.03 14.32 14.80
C THR A 101 14.22 14.51 13.50
N GLY A 102 14.31 13.55 12.58
CA GLY A 102 13.51 13.57 11.34
C GLY A 102 12.14 12.91 11.43
N LYS A 103 11.68 12.62 12.64
CA LYS A 103 10.43 11.87 12.82
C LYS A 103 9.28 12.66 12.21
N ALA A 104 8.44 11.97 11.42
CA ALA A 104 7.29 12.63 10.77
C ALA A 104 5.93 12.01 11.08
N ALA A 105 5.92 10.86 11.75
CA ALA A 105 4.67 10.16 12.01
C ALA A 105 4.91 9.13 13.07
N LYS A 106 3.83 8.81 13.77
CA LYS A 106 3.79 7.76 14.75
C LYS A 106 2.70 6.76 14.38
N CYS A 107 2.73 5.62 15.02
CA CYS A 107 1.75 4.59 14.80
C CYS A 107 1.32 4.07 16.16
N ARG A 108 0.02 3.84 16.34
CA ARG A 108 -0.47 3.27 17.59
C ARG A 108 -0.96 1.84 17.40
N GLY A 109 -0.48 1.15 16.37
CA GLY A 109 -0.86 -0.24 16.10
C GLY A 109 -1.42 -0.40 14.70
N TYR A 110 -2.10 -1.52 14.48
CA TYR A 110 -2.68 -1.85 13.18
C TYR A 110 -3.91 -2.75 13.34
N ARG A 111 -4.70 -2.80 12.28
CA ARG A 111 -5.84 -3.65 12.16
C ARG A 111 -5.71 -4.44 10.87
N GLU A 112 -6.17 -5.68 10.90
CA GLU A 112 -6.14 -6.56 9.73
C GLU A 112 -7.58 -6.80 9.29
N ILE A 113 -7.80 -6.82 7.98
CA ILE A 113 -9.09 -7.23 7.40
C ILE A 113 -9.17 -8.77 7.41
N PRO A 114 -10.32 -9.36 7.82
CA PRO A 114 -10.41 -10.81 7.80
C PRO A 114 -10.07 -11.38 6.42
N GLU A 115 -9.32 -12.47 6.42
CA GLU A 115 -8.77 -13.00 5.18
C GLU A 115 -9.91 -13.35 4.21
N GLY A 116 -9.89 -12.68 3.06
CA GLY A 116 -10.81 -12.98 1.96
C GLY A 116 -12.00 -12.05 1.87
N ASN A 117 -12.17 -11.20 2.88
CA ASN A 117 -13.38 -10.39 3.01
C ASN A 117 -13.32 -9.02 2.32
N GLU A 118 -13.80 -8.99 1.08
CA GLU A 118 -13.77 -7.77 0.28
C GLU A 118 -14.77 -6.76 0.81
N LYS A 119 -15.89 -7.24 1.35
CA LYS A 119 -16.87 -6.34 1.96
C LYS A 119 -16.27 -5.59 3.13
N ALA A 120 -15.47 -6.29 3.95
CA ALA A 120 -14.80 -5.67 5.09
C ALA A 120 -13.73 -4.70 4.62
N LEU A 121 -13.00 -5.08 3.57
CA LEU A 121 -12.02 -4.20 2.94
C LEU A 121 -12.65 -2.89 2.45
N LYS A 122 -13.80 -3.01 1.78
CA LYS A 122 -14.56 -1.85 1.30
C LYS A 122 -14.94 -0.94 2.47
N ARG A 123 -15.49 -1.55 3.51
CA ARG A 123 -15.86 -0.81 4.73
C ARG A 123 -14.63 -0.07 5.29
N ALA A 124 -13.50 -0.75 5.39
CA ALA A 124 -12.29 -0.12 5.92
C ALA A 124 -11.83 1.08 5.07
N VAL A 125 -11.81 0.91 3.75
CA VAL A 125 -11.42 2.01 2.86
C VAL A 125 -12.35 3.21 3.07
N ALA A 126 -13.64 2.94 3.16
CA ALA A 126 -14.66 3.98 3.32
C ALA A 126 -14.51 4.73 4.64
N ARG A 127 -14.21 4.00 5.72
CA ARG A 127 -14.23 4.55 7.08
C ARG A 127 -12.87 5.13 7.50
N VAL A 128 -11.80 4.47 7.09
CA VAL A 128 -10.46 4.72 7.64
C VAL A 128 -9.59 5.53 6.69
N GLY A 129 -9.48 5.05 5.45
CA GLY A 129 -8.60 5.67 4.46
C GLY A 129 -7.90 4.59 3.65
N PRO A 130 -6.82 4.94 2.94
CA PRO A 130 -6.12 3.92 2.16
C PRO A 130 -5.63 2.73 2.99
N VAL A 131 -5.69 1.53 2.43
CA VAL A 131 -5.42 0.27 3.13
C VAL A 131 -4.35 -0.47 2.35
N SER A 132 -3.33 -0.94 3.06
CA SER A 132 -2.29 -1.77 2.47
C SER A 132 -2.87 -3.13 2.08
N VAL A 133 -2.58 -3.61 0.86
CA VAL A 133 -3.06 -4.92 0.43
C VAL A 133 -1.97 -5.63 -0.31
N ALA A 134 -2.06 -6.95 -0.34
CA ALA A 134 -1.14 -7.79 -1.13
C ALA A 134 -1.89 -8.55 -2.23
N ILE A 135 -1.20 -8.73 -3.35
CA ILE A 135 -1.81 -9.36 -4.52
C ILE A 135 -0.81 -10.25 -5.24
N ASP A 136 -1.33 -11.09 -6.13
CA ASP A 136 -0.53 -11.73 -7.14
C ASP A 136 -0.34 -10.76 -8.31
N ALA A 137 0.85 -10.20 -8.44
CA ALA A 137 1.15 -9.26 -9.53
C ALA A 137 2.12 -9.88 -10.53
N SER A 138 2.16 -11.21 -10.59
CA SER A 138 3.18 -11.93 -11.38
C SER A 138 2.86 -12.11 -12.87
N LEU A 139 1.61 -11.92 -13.24
CA LEU A 139 1.21 -12.22 -14.61
C LEU A 139 1.69 -11.15 -15.57
N THR A 140 2.00 -11.60 -16.78
CA THR A 140 2.33 -10.70 -17.89
C THR A 140 1.17 -9.72 -18.16
N SER A 141 -0.06 -10.21 -18.09
CA SER A 141 -1.23 -9.34 -18.30
C SER A 141 -1.25 -8.21 -17.30
N PHE A 142 -0.80 -8.47 -16.08
CA PHE A 142 -0.70 -7.41 -15.05
C PHE A 142 0.37 -6.40 -15.44
N GLN A 143 1.53 -6.87 -15.90
CA GLN A 143 2.60 -5.98 -16.36
C GLN A 143 2.14 -4.97 -17.39
N PHE A 144 1.29 -5.44 -18.30
CA PHE A 144 0.90 -4.70 -19.48
C PHE A 144 -0.39 -3.91 -19.31
N TYR A 145 -0.92 -3.85 -18.10
CA TYR A 145 -2.17 -3.14 -17.82
C TYR A 145 -2.08 -1.70 -18.37
N SER A 146 -3.13 -1.23 -19.04
CA SER A 146 -3.20 0.17 -19.49
C SER A 146 -4.42 0.91 -18.99
N LYS A 147 -5.60 0.28 -19.07
CA LYS A 147 -6.85 0.92 -18.67
C LYS A 147 -7.95 -0.11 -18.44
N GLY A 148 -9.07 0.35 -17.91
CA GLY A 148 -10.21 -0.53 -17.66
C GLY A 148 -10.04 -1.25 -16.34
N VAL A 149 -10.91 -2.21 -16.06
CA VAL A 149 -10.91 -2.95 -14.82
C VAL A 149 -10.22 -4.30 -15.07
N TYR A 150 -9.07 -4.44 -14.45
CA TYR A 150 -8.23 -5.62 -14.63
C TYR A 150 -8.84 -6.86 -13.97
N TYR A 151 -8.94 -7.92 -14.76
CA TYR A 151 -9.36 -9.21 -14.27
C TYR A 151 -8.71 -10.25 -15.16
N ASP A 152 -8.09 -11.24 -14.51
CA ASP A 152 -7.46 -12.33 -15.20
C ASP A 152 -7.69 -13.58 -14.35
N GLU A 153 -8.45 -14.52 -14.91
CA GLU A 153 -8.82 -15.75 -14.23
C GLU A 153 -7.61 -16.54 -13.72
N SER A 154 -6.45 -16.36 -14.35
CA SER A 154 -5.21 -17.03 -13.96
C SER A 154 -4.51 -16.42 -12.77
N CYS A 155 -4.98 -15.28 -12.28
CA CYS A 155 -4.38 -14.64 -11.11
C CYS A 155 -4.58 -15.59 -9.94
N ASN A 156 -3.52 -15.80 -9.15
CA ASN A 156 -3.52 -16.83 -8.13
C ASN A 156 -3.62 -16.20 -6.75
N SER A 157 -4.77 -16.32 -6.10
CA SER A 157 -4.98 -15.66 -4.82
C SER A 157 -4.17 -16.30 -3.68
N ASP A 158 -3.56 -17.47 -3.92
CA ASP A 158 -2.65 -18.11 -2.94
C ASP A 158 -1.19 -17.67 -3.10
N ASN A 159 -0.92 -16.82 -4.08
CA ASN A 159 0.44 -16.40 -4.37
C ASN A 159 0.52 -14.90 -4.22
N LEU A 160 0.56 -14.45 -2.97
CA LEU A 160 0.66 -13.02 -2.67
C LEU A 160 2.13 -12.63 -2.74
N ASN A 161 2.53 -11.99 -3.82
CA ASN A 161 3.94 -11.71 -4.09
C ASN A 161 4.24 -10.22 -4.18
N HIS A 162 3.22 -9.36 -4.03
CA HIS A 162 3.42 -7.94 -4.21
C HIS A 162 2.51 -7.16 -3.30
N ALA A 163 2.99 -6.05 -2.77
CA ALA A 163 2.20 -5.21 -1.86
C ALA A 163 1.94 -3.88 -2.54
N VAL A 164 0.71 -3.39 -2.40
CA VAL A 164 0.26 -2.20 -3.06
C VAL A 164 -0.69 -1.49 -2.10
N LEU A 165 -1.36 -0.44 -2.56
CA LEU A 165 -2.22 0.38 -1.68
C LEU A 165 -3.58 0.60 -2.32
N ALA A 166 -4.65 0.30 -1.58
CA ALA A 166 -6.02 0.50 -2.08
C ALA A 166 -6.38 1.90 -1.62
N VAL A 167 -6.53 2.82 -2.56
CA VAL A 167 -6.83 4.20 -2.22
C VAL A 167 -8.31 4.58 -2.49
N GLY A 168 -9.11 3.59 -2.82
CA GLY A 168 -10.47 3.82 -3.16
C GLY A 168 -11.04 2.62 -3.85
N TYR A 169 -12.28 2.82 -4.30
CA TYR A 169 -13.04 1.82 -5.03
C TYR A 169 -14.17 2.52 -5.76
N GLY A 170 -14.74 1.82 -6.71
CA GLY A 170 -15.87 2.37 -7.43
C GLY A 170 -16.34 1.41 -8.50
N ILE A 171 -16.93 1.98 -9.55
CA ILE A 171 -17.48 1.20 -10.62
C ILE A 171 -17.23 1.97 -11.89
N GLN A 172 -16.78 1.25 -12.90
CA GLN A 172 -16.53 1.84 -14.19
C GLN A 172 -17.33 1.03 -15.21
N LYS A 173 -18.22 1.70 -15.92
CA LYS A 173 -19.02 1.05 -16.96
C LYS A 173 -19.61 -0.27 -16.46
N GLY A 174 -20.16 -0.26 -15.24
CA GLY A 174 -20.75 -1.46 -14.66
C GLY A 174 -19.82 -2.42 -13.92
N ASN A 175 -18.50 -2.26 -14.08
CA ASN A 175 -17.52 -3.15 -13.46
C ASN A 175 -16.98 -2.56 -12.17
N LYS A 176 -17.29 -3.21 -11.06
CA LYS A 176 -16.82 -2.79 -9.74
C LYS A 176 -15.31 -2.99 -9.63
N HIS A 177 -14.64 -2.05 -8.99
CA HIS A 177 -13.19 -2.10 -8.92
C HIS A 177 -12.66 -1.54 -7.62
N TRP A 178 -11.40 -1.88 -7.38
CA TRP A 178 -10.51 -1.27 -6.41
C TRP A 178 -9.57 -0.35 -7.16
N ILE A 179 -9.31 0.84 -6.60
CA ILE A 179 -8.28 1.77 -7.12
C ILE A 179 -6.96 1.48 -6.40
N ILE A 180 -6.00 0.99 -7.15
CA ILE A 180 -4.73 0.50 -6.56
C ILE A 180 -3.54 1.33 -7.02
N LYS A 181 -2.80 1.86 -6.04
CA LYS A 181 -1.56 2.56 -6.27
C LYS A 181 -0.42 1.55 -6.22
N ASN A 182 0.36 1.48 -7.29
CA ASN A 182 1.50 0.59 -7.35
C ASN A 182 2.77 1.40 -7.05
N SER A 183 3.93 0.75 -7.00
CA SER A 183 5.20 1.42 -6.71
C SER A 183 6.22 1.09 -7.79
N TRP A 184 5.76 1.07 -9.03
CA TRP A 184 6.60 0.76 -10.18
C TRP A 184 6.81 1.98 -11.07
N GLY A 185 6.63 3.16 -10.49
CA GLY A 185 6.83 4.43 -11.20
C GLY A 185 5.55 4.90 -11.87
N GLU A 186 5.50 6.19 -12.16
CA GLU A 186 4.39 6.77 -12.91
C GLU A 186 4.31 6.27 -14.36
N ASN A 187 5.35 5.64 -14.88
CA ASN A 187 5.30 5.16 -16.26
C ASN A 187 4.52 3.86 -16.38
N TRP A 188 4.43 3.08 -15.30
CA TRP A 188 3.68 1.82 -15.34
C TRP A 188 2.18 2.06 -15.22
N GLY A 189 1.40 1.19 -15.85
CA GLY A 189 -0.05 1.21 -15.70
C GLY A 189 -0.70 2.49 -16.21
N ASN A 190 -1.75 2.92 -15.51
CA ASN A 190 -2.38 4.20 -15.78
C ASN A 190 -1.88 5.25 -14.77
N LYS A 191 -0.81 5.93 -15.15
CA LYS A 191 -0.14 6.91 -14.28
C LYS A 191 0.30 6.29 -12.95
N GLY A 192 0.66 5.00 -12.98
CA GLY A 192 1.13 4.29 -11.79
C GLY A 192 0.06 3.54 -11.03
N TYR A 193 -1.18 3.67 -11.49
CA TYR A 193 -2.35 3.03 -10.90
C TYR A 193 -2.93 1.92 -11.77
N ILE A 194 -3.70 1.07 -11.11
CA ILE A 194 -4.46 0.02 -11.76
C ILE A 194 -5.81 -0.06 -11.12
N LEU A 195 -6.85 -0.19 -11.93
CA LEU A 195 -8.17 -0.59 -11.41
C LEU A 195 -8.29 -2.09 -11.42
N MET A 196 -8.60 -2.70 -10.28
CA MET A 196 -8.61 -4.15 -10.16
C MET A 196 -10.00 -4.64 -9.77
N ALA A 197 -10.43 -5.75 -10.38
CA ALA A 197 -11.79 -6.25 -10.20
C ALA A 197 -12.16 -6.43 -8.73
N ARG A 198 -13.32 -5.91 -8.36
CA ARG A 198 -13.88 -6.02 -7.02
C ARG A 198 -15.14 -6.89 -7.03
N ASN A 199 -15.29 -7.71 -5.98
CA ASN A 199 -16.40 -8.67 -5.79
C ASN A 199 -16.41 -9.80 -6.83
N LYS A 200 -15.25 -10.07 -7.42
CA LYS A 200 -15.10 -11.13 -8.39
CA LYS A 200 -15.08 -11.12 -8.40
C LYS A 200 -14.28 -12.26 -7.77
N ASN A 201 -14.87 -12.85 -6.72
CA ASN A 201 -14.26 -13.90 -5.94
C ASN A 201 -12.81 -13.61 -5.52
N ASN A 202 -12.59 -12.41 -4.99
CA ASN A 202 -11.30 -12.03 -4.38
C ASN A 202 -10.18 -12.13 -5.40
N ALA A 203 -10.39 -11.53 -6.59
CA ALA A 203 -9.45 -11.64 -7.69
C ALA A 203 -8.06 -11.17 -7.29
N CYS A 204 -7.06 -11.97 -7.66
CA CYS A 204 -5.64 -11.70 -7.32
C CYS A 204 -5.32 -11.68 -5.83
N GLY A 205 -6.25 -12.16 -5.01
CA GLY A 205 -6.04 -12.24 -3.55
C GLY A 205 -6.09 -10.90 -2.83
N ILE A 206 -6.75 -9.91 -3.45
CA ILE A 206 -6.78 -8.52 -2.99
C ILE A 206 -7.16 -8.39 -1.51
N ALA A 207 -8.05 -9.24 -1.03
CA ALA A 207 -8.50 -9.15 0.38
C ALA A 207 -7.87 -10.22 1.30
N ASN A 208 -6.82 -10.89 0.88
CA ASN A 208 -6.21 -11.95 1.71
C ASN A 208 -5.16 -11.47 2.73
N LEU A 209 -4.59 -10.28 2.52
CA LEU A 209 -3.55 -9.79 3.45
C LEU A 209 -3.63 -8.27 3.48
N ALA A 210 -4.74 -7.77 3.98
CA ALA A 210 -4.99 -6.35 4.01
C ALA A 210 -4.93 -5.84 5.45
N SER A 211 -4.34 -4.66 5.61
CA SER A 211 -4.14 -4.10 6.92
C SER A 211 -3.99 -2.60 6.81
N PHE A 212 -4.20 -1.93 7.94
CA PHE A 212 -3.98 -0.50 7.99
C PHE A 212 -3.48 -0.10 9.38
N PRO A 213 -2.74 1.01 9.46
CA PRO A 213 -2.21 1.46 10.76
C PRO A 213 -3.21 2.29 11.54
N LYS A 214 -3.07 2.25 12.86
CA LYS A 214 -3.80 3.12 13.77
C LYS A 214 -2.89 4.32 14.07
N MET A 215 -3.49 5.48 14.24
CA MET A 215 -2.72 6.68 14.54
C MET A 215 -3.49 7.54 15.55
N29 0LB B . 8.64 -6.01 -3.88
C28 0LB B . 7.80 -6.66 -3.13
C25 0LB B . 8.12 -8.06 -2.84
C27 0LB B . 9.51 -8.63 -2.73
C26 0LB B . 8.78 -8.84 -4.02
N24 0LB B . 7.03 -8.76 -2.19
C22 0LB B . 6.74 -8.92 -0.86
O23 0LB B . 7.49 -8.48 -0.02
C18 0LB B . 5.49 -9.67 -0.47
C16 0LB B . 4.40 -8.66 -0.08
C20 0LB B . 5.81 -10.61 0.72
C21 0LB B . 4.52 -11.40 1.02
C19 0LB B . 3.37 -10.45 1.39
C17 0LB B . 3.11 -9.41 0.32
C14 0LB B . 6.99 -11.54 0.45
O15 0LB B . 7.37 -11.71 -0.70
N8 0LB B . 7.66 -12.13 1.50
C10 0LB B . 7.18 -12.23 2.89
C12 0LB B . 8.31 -12.05 3.92
N11 0LB B . 9.58 -12.78 3.65
C9 0LB B . 9.92 -12.82 2.20
C7 0LB B . 8.76 -13.10 1.27
C2 0LB B . 10.57 -12.93 4.70
C4 0LB B . 11.80 -13.57 4.50
C6 0LB B . 12.72 -13.70 5.53
C5 0LB B . 12.45 -13.19 6.79
F13 0LB B . 13.32 -13.30 7.79
C3 0LB B . 11.25 -12.54 7.01
C1 0LB B . 10.32 -12.42 5.98
C1 GOL C . -19.93 -5.29 -1.52
O1 GOL C . -19.11 -4.66 -0.56
C2 GOL C . -20.96 -4.32 -2.06
O2 GOL C . -21.10 -3.27 -1.13
C3 GOL C . -20.46 -3.82 -3.40
O3 GOL C . -21.00 -2.57 -3.77
#